data_7P5R
#
_entry.id   7P5R
#
_cell.length_a   24.210
_cell.length_b   27.830
_cell.length_c   70.450
_cell.angle_alpha   95.030
_cell.angle_beta   90.430
_cell.angle_gamma   115.410
#
_symmetry.space_group_name_H-M   'P 1'
#
loop_
_entity.id
_entity.type
_entity.pdbx_description
1 polymer 'Lacticin Q'
2 polymer 'D-Lacticin Q'
3 non-polymer 'FORMIC ACID'
4 water water
#
loop_
_entity_poly.entity_id
_entity_poly.type
_entity_poly.pdbx_seq_one_letter_code
_entity_poly.pdbx_strand_id
1 'polypeptide(L)' MAGFLKVVQLLAKYGSKAVQWAWANKGKILDWLNAGQAIDWVVSKIKQILGIK AAA,BBB
2 'polypeptide(L)'
;(MED)(DAL)G(DPN)(DLE)(DLY)(DVA)(DVA)(DGN)(DLE)(DLE)(DAL)(DLY)(DTY)G(DSN)(DLY)
(DAL)(DVA)(DGN)(DTR)(DAL)(DTR)(DAL)(DSG)(DLY)G(DLY)(DIL)(DLE)(DAS)(DTR)(DLE)
(DSG)(DAL)G(DGN)(DAL)(DIL)(DAS)(DTR)(DVA)(DVA)(DSN)(DLY)(DIL)(DLY)(DGN)(DIL)
(DLE)G(DIL)(DLY)
;
DDD,CCC
#
# COMPACT_ATOMS: atom_id res chain seq x y z
N MET A 1 -12.01 -3.48 16.34
CA MET A 1 -10.69 -3.33 15.64
C MET A 1 -9.49 -3.84 16.49
N ALA A 2 -9.72 -4.49 17.63
CA ALA A 2 -8.66 -5.09 18.48
C ALA A 2 -7.87 -6.16 17.73
N GLY A 3 -8.49 -7.13 17.07
CA GLY A 3 -7.73 -8.11 16.28
C GLY A 3 -6.98 -7.46 15.14
N PHE A 4 -7.61 -6.54 14.42
CA PHE A 4 -6.91 -5.85 13.30
C PHE A 4 -5.65 -5.17 13.83
N LEU A 5 -5.76 -4.41 14.91
CA LEU A 5 -4.55 -3.69 15.34
C LEU A 5 -3.51 -4.68 15.87
N LYS A 6 -3.92 -5.79 16.51
CA LYS A 6 -2.92 -6.82 16.89
C LYS A 6 -2.17 -7.31 15.65
N VAL A 7 -2.90 -7.57 14.56
CA VAL A 7 -2.23 -8.00 13.31
C VAL A 7 -1.23 -6.92 12.89
N VAL A 8 -1.66 -5.68 12.82
N VAL A 8 -1.64 -5.66 12.84
CA VAL A 8 -0.74 -4.63 12.35
CA VAL A 8 -0.73 -4.59 12.35
C VAL A 8 0.48 -4.54 13.29
C VAL A 8 0.46 -4.45 13.30
N GLN A 9 0.26 -4.61 14.59
CA GLN A 9 1.37 -4.52 15.57
C GLN A 9 2.35 -5.68 15.43
N LEU A 10 1.85 -6.88 15.20
CA LEU A 10 2.75 -8.03 14.98
C LEU A 10 3.53 -7.85 13.68
N LEU A 11 2.90 -7.24 12.69
CA LEU A 11 3.58 -6.99 11.40
C LEU A 11 4.66 -5.90 11.51
N ALA A 12 4.57 -5.04 12.49
CA ALA A 12 5.46 -3.87 12.55
C ALA A 12 6.92 -4.34 12.73
N LYS A 13 7.13 -5.47 13.41
CA LYS A 13 8.47 -6.11 13.54
C LYS A 13 9.09 -6.35 12.15
N TYR A 14 8.25 -6.65 11.18
CA TYR A 14 8.69 -6.99 9.80
C TYR A 14 8.90 -5.76 8.94
N GLY A 15 8.51 -4.59 9.43
CA GLY A 15 8.83 -3.33 8.76
C GLY A 15 7.61 -2.60 8.24
N SER A 16 7.92 -1.43 7.69
CA SER A 16 6.88 -0.53 7.20
C SER A 16 6.10 -1.11 6.05
N LYS A 17 6.73 -1.85 5.14
CA LYS A 17 5.95 -2.36 3.98
C LYS A 17 4.88 -3.35 4.46
N ALA A 18 5.12 -4.11 5.51
CA ALA A 18 4.10 -5.04 6.04
C ALA A 18 2.94 -4.23 6.63
N VAL A 19 3.25 -3.20 7.39
CA VAL A 19 2.20 -2.32 7.99
C VAL A 19 1.42 -1.62 6.85
N GLN A 20 2.15 -1.12 5.86
CA GLN A 20 1.54 -0.46 4.67
C GLN A 20 0.51 -1.39 4.01
N TRP A 21 0.89 -2.66 3.81
CA TRP A 21 -0.03 -3.59 3.13
C TRP A 21 -1.25 -3.80 4.02
N ALA A 22 -1.05 -3.99 5.33
CA ALA A 22 -2.17 -4.26 6.24
C ALA A 22 -3.17 -3.10 6.25
N TRP A 23 -2.68 -1.86 6.32
CA TRP A 23 -3.63 -0.74 6.33
C TRP A 23 -4.42 -0.68 5.04
N ALA A 24 -3.77 -0.89 3.89
CA ALA A 24 -4.47 -0.85 2.58
C ALA A 24 -5.44 -2.02 2.40
N ASN A 25 -5.29 -3.06 3.21
CA ASN A 25 -6.13 -4.26 3.12
C ASN A 25 -6.89 -4.45 4.42
N LYS A 26 -7.25 -3.35 5.09
CA LYS A 26 -7.91 -3.45 6.40
C LYS A 26 -9.19 -4.27 6.26
N GLY A 27 -9.97 -4.04 5.19
CA GLY A 27 -11.26 -4.75 5.06
C GLY A 27 -11.05 -6.26 4.90
N LYS A 28 -10.05 -6.66 4.12
CA LYS A 28 -9.72 -8.10 4.02
C LYS A 28 -9.39 -8.69 5.39
N ILE A 29 -8.54 -8.00 6.16
CA ILE A 29 -8.10 -8.49 7.47
C ILE A 29 -9.29 -8.58 8.40
N LEU A 30 -10.10 -7.52 8.46
CA LEU A 30 -11.30 -7.56 9.32
C LEU A 30 -12.20 -8.73 8.90
N ASP A 31 -12.37 -8.91 7.61
CA ASP A 31 -13.24 -10.00 7.11
C ASP A 31 -12.66 -11.38 7.50
N TRP A 32 -11.36 -11.58 7.34
CA TRP A 32 -10.73 -12.85 7.74
C TRP A 32 -10.95 -13.10 9.23
N LEU A 33 -10.67 -12.09 10.07
CA LEU A 33 -10.80 -12.26 11.53
C LEU A 33 -12.26 -12.56 11.86
N ASN A 34 -13.21 -11.87 11.21
CA ASN A 34 -14.64 -12.12 11.52
C ASN A 34 -15.02 -13.52 10.96
N ALA A 35 -14.38 -14.02 9.88
CA ALA A 35 -14.64 -15.37 9.31
C ALA A 35 -14.04 -16.46 10.22
N GLY A 36 -13.41 -16.11 11.35
CA GLY A 36 -12.92 -17.11 12.33
C GLY A 36 -11.43 -17.40 12.19
N GLN A 37 -10.76 -16.71 11.29
CA GLN A 37 -9.30 -16.87 11.06
CA GLN A 37 -9.32 -16.95 11.09
C GLN A 37 -8.55 -16.28 12.24
N ALA A 38 -7.60 -16.98 12.82
CA ALA A 38 -6.84 -16.49 13.97
C ALA A 38 -5.91 -15.34 13.57
N ILE A 39 -5.59 -14.49 14.54
CA ILE A 39 -4.60 -13.41 14.34
C ILE A 39 -3.30 -13.99 13.79
N ASP A 40 -2.76 -15.04 14.38
CA ASP A 40 -1.46 -15.56 13.92
C ASP A 40 -1.58 -16.14 12.51
N TRP A 41 -2.74 -16.70 12.17
CA TRP A 41 -3.00 -17.20 10.80
C TRP A 41 -2.94 -16.03 9.82
N VAL A 42 -3.57 -14.92 10.17
CA VAL A 42 -3.61 -13.73 9.29
C VAL A 42 -2.21 -13.16 9.13
N VAL A 43 -1.44 -13.06 10.21
CA VAL A 43 -0.05 -12.55 10.09
C VAL A 43 0.72 -13.46 9.14
N SER A 44 0.59 -14.77 9.29
CA SER A 44 1.30 -15.70 8.37
CA SER A 44 1.30 -15.70 8.36
C SER A 44 0.84 -15.50 6.93
N LYS A 45 -0.47 -15.36 6.71
CA LYS A 45 -1.01 -15.15 5.35
C LYS A 45 -0.38 -13.91 4.73
N ILE A 46 -0.32 -12.83 5.50
CA ILE A 46 0.26 -11.57 5.00
C ILE A 46 1.74 -11.74 4.70
N LYS A 47 2.48 -12.39 5.59
CA LYS A 47 3.91 -12.66 5.30
C LYS A 47 4.04 -13.45 4.00
N GLN A 48 3.18 -14.41 3.76
CA GLN A 48 3.22 -15.18 2.49
C GLN A 48 2.94 -14.26 1.29
N ILE A 49 1.94 -13.41 1.37
CA ILE A 49 1.62 -12.44 0.30
C ILE A 49 2.84 -11.53 0.04
N LEU A 50 3.49 -11.08 1.10
CA LEU A 50 4.62 -10.13 0.98
C LEU A 50 5.85 -10.86 0.41
N GLY A 51 5.95 -12.20 0.50
CA GLY A 51 7.16 -12.97 0.16
C GLY A 51 8.20 -13.03 1.27
N ILE A 52 7.80 -12.89 2.54
CA ILE A 52 8.70 -13.02 3.72
C ILE A 52 8.78 -14.47 4.17
N LYS A 53 9.96 -15.05 3.97
CA LYS A 53 10.21 -16.50 4.22
C LYS A 53 11.66 -16.69 4.72
N MET B 1 6.95 -6.66 -3.70
CA MET B 1 6.08 -6.18 -4.87
C MET B 1 4.62 -6.11 -4.41
N ALA B 2 4.25 -6.65 -3.24
CA ALA B 2 2.82 -6.76 -2.90
C ALA B 2 2.18 -5.37 -2.77
N GLY B 3 2.88 -4.38 -2.21
CA GLY B 3 2.33 -3.01 -2.14
C GLY B 3 2.08 -2.44 -3.52
N PHE B 4 3.06 -2.61 -4.39
CA PHE B 4 2.95 -2.16 -5.81
C PHE B 4 1.72 -2.84 -6.44
N LEU B 5 1.57 -4.14 -6.26
CA LEU B 5 0.41 -4.81 -6.91
C LEU B 5 -0.89 -4.27 -6.32
N LYS B 6 -0.97 -4.00 -5.02
CA LYS B 6 -2.21 -3.42 -4.49
C LYS B 6 -2.49 -2.06 -5.15
N VAL B 7 -1.47 -1.24 -5.38
CA VAL B 7 -1.67 0.04 -6.10
C VAL B 7 -2.26 -0.26 -7.48
N VAL B 8 -1.66 -1.17 -8.22
CA VAL B 8 -2.17 -1.41 -9.59
CA VAL B 8 -2.12 -1.53 -9.59
C VAL B 8 -3.60 -1.94 -9.54
N GLN B 9 -3.91 -2.79 -8.58
CA GLN B 9 -5.29 -3.31 -8.50
C GLN B 9 -6.29 -2.23 -8.13
N LEU B 10 -5.92 -1.32 -7.24
CA LEU B 10 -6.83 -0.20 -6.93
C LEU B 10 -7.02 0.67 -8.18
N LEU B 11 -5.96 0.85 -8.97
CA LEU B 11 -6.04 1.68 -10.19
C LEU B 11 -6.87 1.02 -11.29
N ALA B 12 -6.98 -0.29 -11.30
CA ALA B 12 -7.62 -0.97 -12.42
C ALA B 12 -9.11 -0.64 -12.51
N LYS B 13 -9.81 -0.25 -11.43
CA LYS B 13 -11.21 0.21 -11.64
C LYS B 13 -11.20 1.52 -12.43
N TYR B 14 -10.11 2.29 -12.42
CA TYR B 14 -10.01 3.54 -13.20
C TYR B 14 -9.66 3.27 -14.66
N GLY B 15 -9.23 2.09 -15.01
CA GLY B 15 -9.03 1.75 -16.42
C GLY B 15 -7.59 1.53 -16.79
N SER B 16 -7.42 1.19 -18.03
CA SER B 16 -6.12 0.73 -18.54
C SER B 16 -5.09 1.85 -18.53
N LYS B 17 -5.47 3.11 -18.71
CA LYS B 17 -4.46 4.18 -18.76
C LYS B 17 -3.74 4.25 -17.41
N ALA B 18 -4.51 4.17 -16.31
CA ALA B 18 -3.91 4.25 -14.97
C ALA B 18 -3.00 3.04 -14.73
N VAL B 19 -3.45 1.86 -15.16
CA VAL B 19 -2.66 0.63 -14.97
C VAL B 19 -1.38 0.72 -15.81
N GLN B 20 -1.49 1.22 -17.02
CA GLN B 20 -0.30 1.35 -17.88
C GLN B 20 0.72 2.29 -17.24
N TRP B 21 0.24 3.38 -16.67
CA TRP B 21 1.16 4.35 -16.03
C TRP B 21 1.87 3.63 -14.88
N ALA B 22 1.14 2.89 -14.06
CA ALA B 22 1.75 2.23 -12.87
C ALA B 22 2.83 1.24 -13.32
N TRP B 23 2.55 0.38 -14.31
CA TRP B 23 3.59 -0.58 -14.76
C TRP B 23 4.76 0.16 -15.41
N ALA B 24 4.51 1.21 -16.17
CA ALA B 24 5.58 1.95 -16.86
C ALA B 24 6.45 2.69 -15.84
N ASN B 25 5.89 3.01 -14.70
CA ASN B 25 6.54 3.82 -13.63
C ASN B 25 6.70 3.00 -12.36
N LYS B 26 6.94 1.71 -12.53
CA LYS B 26 6.99 0.82 -11.36
C LYS B 26 8.06 1.26 -10.36
N GLY B 27 9.21 1.68 -10.86
CA GLY B 27 10.28 2.06 -9.92
C GLY B 27 9.92 3.25 -9.07
N LYS B 28 9.23 4.22 -9.67
CA LYS B 28 8.79 5.40 -8.93
C LYS B 28 7.84 4.98 -7.81
N ILE B 29 6.89 4.10 -8.14
CA ILE B 29 5.94 3.62 -7.13
C ILE B 29 6.66 2.82 -6.05
N LEU B 30 7.54 1.90 -6.46
CA LEU B 30 8.30 1.10 -5.45
C LEU B 30 9.06 2.03 -4.53
N ASP B 31 9.67 3.08 -5.08
CA ASP B 31 10.43 4.05 -4.26
C ASP B 31 9.51 4.79 -3.29
N TRP B 32 8.38 5.28 -3.76
CA TRP B 32 7.43 5.99 -2.86
C TRP B 32 7.01 5.05 -1.75
N LEU B 33 6.69 3.81 -2.08
CA LEU B 33 6.21 2.84 -1.07
C LEU B 33 7.35 2.51 -0.10
N ASN B 34 8.56 2.33 -0.60
CA ASN B 34 9.71 2.06 0.29
C ASN B 34 9.98 3.24 1.23
N ALA B 35 9.70 4.47 0.80
CA ALA B 35 10.02 5.75 1.47
C ALA B 35 9.03 6.14 2.54
N GLY B 36 7.97 5.37 2.67
CA GLY B 36 6.98 5.58 3.74
C GLY B 36 5.67 6.16 3.28
N GLN B 37 5.42 6.28 2.00
CA GLN B 37 4.09 6.72 1.56
C GLN B 37 3.07 5.57 1.70
N ALA B 38 1.88 5.88 2.19
CA ALA B 38 0.75 4.92 2.19
C ALA B 38 0.35 4.55 0.77
N ILE B 39 -0.20 3.37 0.62
CA ILE B 39 -0.74 2.95 -0.70
C ILE B 39 -1.84 3.91 -1.16
N ASP B 40 -2.70 4.36 -0.25
N ASP B 40 -2.75 4.35 -0.27
CA ASP B 40 -3.75 5.35 -0.61
CA ASP B 40 -3.80 5.34 -0.66
C ASP B 40 -3.12 6.63 -1.11
C ASP B 40 -3.15 6.65 -1.11
N TRP B 41 -2.03 7.06 -0.49
CA TRP B 41 -1.32 8.29 -0.93
C TRP B 41 -0.83 8.09 -2.37
N VAL B 42 -0.22 6.94 -2.66
CA VAL B 42 0.30 6.66 -4.02
C VAL B 42 -0.86 6.65 -5.03
N VAL B 43 -1.95 6.00 -4.72
CA VAL B 43 -3.11 5.99 -5.65
C VAL B 43 -3.57 7.42 -5.90
N SER B 44 -3.72 8.20 -4.84
CA SER B 44 -4.13 9.62 -5.02
CA SER B 44 -4.10 9.63 -4.96
C SER B 44 -3.13 10.39 -5.86
N LYS B 45 -1.84 10.18 -5.66
CA LYS B 45 -0.82 10.92 -6.42
C LYS B 45 -0.94 10.58 -7.88
N ILE B 46 -1.10 9.31 -8.19
CA ILE B 46 -1.21 8.88 -9.60
C ILE B 46 -2.45 9.45 -10.23
N LYS B 47 -3.57 9.41 -9.51
CA LYS B 47 -4.78 10.05 -10.07
C LYS B 47 -4.53 11.52 -10.35
N GLN B 48 -3.83 12.22 -9.48
CA GLN B 48 -3.56 13.64 -9.74
C GLN B 48 -2.68 13.79 -10.97
N ILE B 49 -1.64 12.98 -11.11
CA ILE B 49 -0.77 13.04 -12.31
C ILE B 49 -1.60 12.86 -13.60
N LEU B 50 -2.53 11.91 -13.54
CA LEU B 50 -3.36 11.53 -14.70
C LEU B 50 -4.62 12.40 -14.85
N GLY B 51 -4.80 13.39 -13.99
CA GLY B 51 -5.97 14.30 -14.16
C GLY B 51 -7.30 13.65 -13.84
N ILE B 52 -7.32 12.65 -13.00
CA ILE B 52 -8.57 11.94 -12.61
C ILE B 52 -9.14 12.64 -11.38
N LYS B 53 -10.23 13.37 -11.56
CA LYS B 53 -10.79 14.14 -10.43
C LYS B 53 -12.30 14.25 -10.64
N GLY C 3 21.00 33.56 -21.39
CA GLY C 3 20.20 34.54 -20.67
C GLY C 3 19.47 33.89 -19.51
N GLY C 15 4.04 30.95 -13.76
CA GLY C 15 3.72 29.74 -13.04
C GLY C 15 4.93 28.98 -12.52
N GLY C 27 22.54 30.44 -9.54
CA GLY C 27 23.80 31.16 -9.40
C GLY C 27 23.60 32.67 -9.24
N GLY C 36 25.97 42.47 -15.80
CA GLY C 36 25.43 43.45 -16.70
C GLY C 36 23.98 43.80 -16.44
N GLY C 51 6.60 38.60 -4.90
CA GLY C 51 5.43 39.36 -4.50
C GLY C 51 4.40 39.45 -5.62
N GLY D 3 9.66 30.78 -2.06
CA GLY D 3 10.25 29.46 -2.17
C GLY D 3 10.48 28.82 -0.81
N GLY D 15 21.70 24.24 10.61
CA GLY D 15 21.55 24.65 11.99
C GLY D 15 20.12 24.93 12.44
N GLY D 27 3.33 24.71 6.51
CA GLY D 27 2.25 24.31 5.63
C GLY D 27 2.62 23.12 4.76
N GLY D 36 4.73 21.65 -7.02
CA GLY D 36 5.72 21.80 -8.05
C GLY D 36 7.07 21.15 -7.75
N GLY D 51 17.39 13.05 9.63
CA GLY D 51 18.51 12.14 9.75
C GLY D 51 19.86 12.78 9.55
#